data_1JL2
#
_entry.id   1JL2
#
_cell.length_a   56.195
_cell.length_b   87.033
_cell.length_c   60.687
_cell.angle_alpha   90.00
_cell.angle_beta   91.87
_cell.angle_gamma   90.00
#
_symmetry.space_group_name_H-M   'P 1 21 1'
#
loop_
_entity.id
_entity.type
_entity.pdbx_description
1 polymer 'Chimera of Ribonuclease HI, Ribonuclease H'
2 water water
#
_entity_poly.entity_id   1
_entity_poly.type   'polypeptide(L)'
_entity_poly.pdbx_seq_one_letter_code
;MLKQVEIFTDGSALGNPGPGGYGAILRYRGREKTFSAGYTRTTNNRMELKAAIEGLKALKEPAEVDLYTDSHYLKKAFTE
GWLEGWRKRGWRTAEGKPVKNRDLWEALLLAMAPHRVRFHFVKGHAGHPENERADELARAAAMNPTLEDTGYQVEV
;
_entity_poly.pdbx_strand_id   A,B,C,D
#
# COMPACT_ATOMS: atom_id res chain seq x y z
N LYS A 3 24.17 11.81 17.02
CA LYS A 3 23.01 11.15 16.37
C LYS A 3 23.45 10.27 15.20
N GLN A 4 24.71 9.87 15.21
CA GLN A 4 25.25 8.99 14.18
C GLN A 4 25.06 7.55 14.64
N VAL A 5 24.59 6.69 13.74
CA VAL A 5 24.39 5.29 14.09
C VAL A 5 24.81 4.41 12.95
N GLU A 6 25.47 3.30 13.29
CA GLU A 6 25.88 2.34 12.28
C GLU A 6 24.94 1.16 12.43
N ILE A 7 24.47 0.63 11.32
CA ILE A 7 23.56 -0.50 11.37
C ILE A 7 24.11 -1.57 10.44
N PHE A 8 24.23 -2.78 10.94
CA PHE A 8 24.74 -3.89 10.13
C PHE A 8 23.62 -4.91 10.02
N THR A 9 23.22 -5.25 8.80
CA THR A 9 22.12 -6.19 8.61
C THR A 9 22.44 -7.31 7.63
N ASP A 10 21.72 -8.41 7.75
CA ASP A 10 21.90 -9.55 6.85
C ASP A 10 20.65 -10.41 6.87
N GLY A 11 20.30 -10.95 5.71
CA GLY A 11 19.15 -11.82 5.60
C GLY A 11 19.47 -12.97 4.67
N SER A 12 18.91 -14.16 4.94
CA SER A 12 19.13 -15.32 4.10
C SER A 12 18.01 -16.34 4.25
N ALA A 13 17.90 -17.24 3.28
CA ALA A 13 16.87 -18.27 3.30
C ALA A 13 17.47 -19.60 2.81
N LEU A 14 16.93 -20.70 3.31
CA LEU A 14 17.41 -22.03 2.98
C LEU A 14 16.72 -22.64 1.77
N GLY A 15 15.73 -21.92 1.24
CA GLY A 15 15.01 -22.41 0.07
C GLY A 15 14.46 -21.23 -0.71
N ASN A 16 13.89 -21.51 -1.87
CA ASN A 16 13.33 -20.45 -2.70
C ASN A 16 11.96 -20.89 -3.19
N PRO A 17 10.93 -20.79 -2.32
CA PRO A 17 11.00 -20.31 -0.94
C PRO A 17 11.38 -21.39 0.07
N GLY A 18 11.60 -20.94 1.30
CA GLY A 18 11.97 -21.84 2.38
C GLY A 18 12.17 -21.07 3.66
N PRO A 19 12.60 -21.73 4.75
CA PRO A 19 12.81 -21.01 6.01
C PRO A 19 13.95 -20.01 5.86
N GLY A 20 13.79 -18.82 6.43
CA GLY A 20 14.82 -17.80 6.34
C GLY A 20 14.89 -17.00 7.63
N GLY A 21 15.79 -16.04 7.68
CA GLY A 21 15.91 -15.24 8.88
C GLY A 21 16.77 -14.01 8.63
N TYR A 22 16.80 -13.10 9.60
CA TYR A 22 17.61 -11.89 9.47
C TYR A 22 18.27 -11.58 10.79
N GLY A 23 19.32 -10.78 10.73
CA GLY A 23 20.03 -10.34 11.91
C GLY A 23 20.33 -8.86 11.73
N ALA A 24 20.25 -8.08 12.79
CA ALA A 24 20.51 -6.65 12.72
C ALA A 24 21.27 -6.23 13.97
N ILE A 25 22.27 -5.39 13.77
CA ILE A 25 23.10 -4.90 14.87
C ILE A 25 23.21 -3.38 14.74
N LEU A 26 22.84 -2.66 15.80
CA LEU A 26 22.94 -1.20 15.78
C LEU A 26 24.01 -0.76 16.77
N ARG A 27 24.91 0.09 16.31
CA ARG A 27 25.96 0.58 17.18
C ARG A 27 25.93 2.09 17.21
N TYR A 28 25.63 2.64 18.38
CA TYR A 28 25.62 4.08 18.61
C TYR A 28 26.89 4.32 19.40
N ARG A 29 27.16 5.58 19.76
CA ARG A 29 28.36 5.86 20.53
C ARG A 29 28.35 4.99 21.79
N GLY A 30 29.14 3.91 21.76
CA GLY A 30 29.22 3.00 22.90
C GLY A 30 28.06 2.03 23.06
N ARG A 31 26.86 2.47 22.72
CA ARG A 31 25.65 1.66 22.85
C ARG A 31 25.49 0.67 21.71
N GLU A 32 24.92 -0.49 22.00
CA GLU A 32 24.72 -1.51 20.96
C GLU A 32 23.42 -2.30 21.16
N LYS A 33 22.72 -2.54 20.06
CA LYS A 33 21.48 -3.31 20.11
C LYS A 33 21.58 -4.39 19.06
N THR A 34 21.14 -5.61 19.39
CA THR A 34 21.15 -6.69 18.40
C THR A 34 19.86 -7.49 18.51
N PHE A 35 19.42 -8.05 17.40
CA PHE A 35 18.23 -8.88 17.38
C PHE A 35 18.14 -9.68 16.10
N SER A 36 17.28 -10.68 16.09
CA SER A 36 17.14 -11.53 14.93
C SER A 36 15.82 -12.27 14.98
N ALA A 37 15.38 -12.79 13.85
CA ALA A 37 14.13 -13.53 13.81
C ALA A 37 14.09 -14.44 12.60
N GLY A 38 13.47 -15.60 12.76
CA GLY A 38 13.36 -16.53 11.65
C GLY A 38 11.93 -16.67 11.17
N TYR A 39 11.77 -16.96 9.88
CA TYR A 39 10.45 -17.12 9.28
C TYR A 39 10.34 -18.48 8.60
N THR A 40 9.15 -19.08 8.69
CA THR A 40 8.93 -20.42 8.17
C THR A 40 8.98 -20.58 6.65
N ARG A 41 8.45 -19.59 5.93
CA ARG A 41 8.44 -19.66 4.47
C ARG A 41 8.64 -18.26 3.89
N THR A 42 9.82 -18.06 3.31
CA THR A 42 10.16 -16.76 2.76
C THR A 42 11.24 -16.94 1.70
N THR A 43 11.86 -15.84 1.27
CA THR A 43 12.89 -15.89 0.25
C THR A 43 14.14 -15.12 0.70
N ASN A 44 15.26 -15.37 0.03
CA ASN A 44 16.50 -14.67 0.34
C ASN A 44 16.31 -13.16 0.19
N ASN A 45 15.72 -12.74 -0.93
CA ASN A 45 15.49 -11.32 -1.18
C ASN A 45 14.63 -10.69 -0.10
N ARG A 46 13.55 -11.37 0.29
CA ARG A 46 12.68 -10.81 1.31
C ARG A 46 13.39 -10.66 2.64
N MET A 47 14.23 -11.63 3.01
CA MET A 47 14.96 -11.55 4.27
C MET A 47 16.01 -10.43 4.25
N GLU A 48 16.65 -10.23 3.10
CA GLU A 48 17.65 -9.18 2.97
C GLU A 48 16.97 -7.83 3.17
N LEU A 49 15.77 -7.66 2.60
CA LEU A 49 15.03 -6.42 2.73
C LEU A 49 14.51 -6.25 4.17
N LYS A 50 13.95 -7.32 4.72
CA LYS A 50 13.42 -7.30 6.09
C LYS A 50 14.50 -6.92 7.11
N ALA A 51 15.72 -7.40 6.88
CA ALA A 51 16.83 -7.10 7.79
C ALA A 51 17.06 -5.59 7.87
N ALA A 52 17.07 -4.93 6.71
CA ALA A 52 17.28 -3.47 6.67
C ALA A 52 16.09 -2.77 7.29
N ILE A 53 14.88 -3.24 6.97
CA ILE A 53 13.68 -2.64 7.52
C ILE A 53 13.67 -2.67 9.04
N GLU A 54 13.83 -3.85 9.62
CA GLU A 54 13.82 -3.99 11.07
C GLU A 54 14.97 -3.26 11.75
N GLY A 55 16.15 -3.28 11.12
CA GLY A 55 17.28 -2.58 11.70
C GLY A 55 16.93 -1.10 11.83
N LEU A 56 16.38 -0.52 10.78
CA LEU A 56 16.01 0.89 10.81
C LEU A 56 14.84 1.18 11.75
N LYS A 57 13.88 0.26 11.83
CA LYS A 57 12.73 0.47 12.68
C LYS A 57 13.10 0.54 14.16
N ALA A 58 14.25 -0.02 14.52
CA ALA A 58 14.69 0.00 15.92
C ALA A 58 15.13 1.39 16.35
N LEU A 59 15.33 2.30 15.39
CA LEU A 59 15.74 3.67 15.71
C LEU A 59 14.55 4.41 16.29
N LYS A 60 14.74 5.01 17.47
CA LYS A 60 13.66 5.72 18.17
C LYS A 60 13.51 7.19 17.84
N GLU A 61 14.55 7.78 17.26
CA GLU A 61 14.50 9.18 16.86
C GLU A 61 15.29 9.38 15.58
N PRO A 62 15.06 10.50 14.87
CA PRO A 62 15.78 10.76 13.62
C PRO A 62 17.29 10.68 13.80
N ALA A 63 17.96 10.02 12.86
CA ALA A 63 19.40 9.86 12.95
C ALA A 63 20.07 9.88 11.58
N GLU A 64 21.40 9.99 11.61
CA GLU A 64 22.21 9.95 10.40
C GLU A 64 22.70 8.51 10.44
N VAL A 65 22.30 7.73 9.44
CA VAL A 65 22.59 6.31 9.40
C VAL A 65 23.50 5.79 8.30
N ASP A 66 24.43 4.93 8.70
CA ASP A 66 25.29 4.24 7.76
C ASP A 66 24.87 2.80 7.95
N LEU A 67 24.25 2.24 6.92
CA LEU A 67 23.75 0.87 6.96
C LEU A 67 24.59 -0.02 6.07
N TYR A 68 25.20 -1.02 6.68
CA TYR A 68 26.08 -1.98 6.00
C TYR A 68 25.41 -3.31 5.77
N THR A 69 25.31 -3.68 4.49
CA THR A 69 24.70 -4.95 4.08
C THR A 69 25.34 -5.42 2.76
N ASP A 70 25.34 -6.73 2.52
CA ASP A 70 25.89 -7.24 1.26
C ASP A 70 24.78 -7.63 0.30
N SER A 71 23.54 -7.25 0.65
CA SER A 71 22.37 -7.56 -0.17
C SER A 71 22.52 -7.09 -1.62
N HIS A 72 22.52 -8.02 -2.56
CA HIS A 72 22.63 -7.66 -3.97
C HIS A 72 21.30 -7.06 -4.45
N TYR A 73 20.23 -7.46 -3.79
CA TYR A 73 18.88 -7.00 -4.09
C TYR A 73 18.79 -5.50 -3.80
N LEU A 74 19.23 -5.08 -2.61
CA LEU A 74 19.22 -3.68 -2.23
C LEU A 74 20.25 -2.90 -3.06
N LYS A 75 21.39 -3.51 -3.32
CA LYS A 75 22.44 -2.83 -4.08
C LYS A 75 21.94 -2.44 -5.46
N LYS A 76 21.32 -3.38 -6.16
CA LYS A 76 20.82 -3.10 -7.50
C LYS A 76 19.72 -2.04 -7.45
N ALA A 77 18.80 -2.20 -6.51
CA ALA A 77 17.69 -1.25 -6.37
C ALA A 77 18.16 0.18 -6.09
N PHE A 78 19.13 0.33 -5.20
CA PHE A 78 19.61 1.67 -4.87
C PHE A 78 20.66 2.26 -5.79
N THR A 79 21.49 1.43 -6.42
CA THR A 79 22.49 1.97 -7.31
C THR A 79 21.87 2.29 -8.67
N GLU A 80 20.62 1.88 -8.85
CA GLU A 80 19.91 2.13 -10.10
C GLU A 80 18.61 2.91 -9.87
N GLY A 81 18.33 3.21 -8.60
CA GLY A 81 17.13 3.97 -8.25
C GLY A 81 15.80 3.35 -8.68
N TRP A 82 15.68 2.04 -8.54
CA TRP A 82 14.46 1.33 -8.90
C TRP A 82 13.23 1.87 -8.17
N LEU A 83 13.41 2.32 -6.93
CA LEU A 83 12.30 2.84 -6.13
C LEU A 83 11.57 3.96 -6.83
N GLU A 84 12.31 4.93 -7.35
CA GLU A 84 11.70 6.04 -8.08
C GLU A 84 11.18 5.56 -9.42
N GLY A 85 11.90 4.63 -10.04
CA GLY A 85 11.47 4.11 -11.31
C GLY A 85 10.15 3.38 -11.18
N TRP A 86 10.01 2.60 -10.11
CA TRP A 86 8.77 1.86 -9.90
C TRP A 86 7.57 2.77 -9.62
N ARG A 87 7.72 3.69 -8.67
CA ARG A 87 6.62 4.60 -8.36
C ARG A 87 6.15 5.32 -9.60
N LYS A 88 7.09 5.75 -10.44
CA LYS A 88 6.76 6.44 -11.69
C LYS A 88 5.89 5.59 -12.60
N ARG A 89 6.14 4.28 -12.60
CA ARG A 89 5.39 3.36 -13.45
C ARG A 89 4.25 2.65 -12.71
N GLY A 90 3.87 3.18 -11.55
CA GLY A 90 2.79 2.58 -10.80
C GLY A 90 3.11 1.19 -10.30
N TRP A 91 4.38 0.97 -9.97
CA TRP A 91 4.84 -0.32 -9.46
C TRP A 91 4.46 -1.53 -10.30
N ARG A 92 4.55 -1.38 -11.62
CA ARG A 92 4.24 -2.49 -12.52
C ARG A 92 5.51 -2.83 -13.29
N THR A 93 5.70 -4.11 -13.58
CA THR A 93 6.86 -4.58 -14.32
C THR A 93 6.69 -4.18 -15.77
N ALA A 94 7.71 -4.44 -16.58
CA ALA A 94 7.64 -4.12 -18.00
C ALA A 94 6.49 -4.88 -18.65
N GLU A 95 6.02 -5.92 -17.97
CA GLU A 95 4.92 -6.74 -18.48
C GLU A 95 3.54 -6.25 -18.04
N GLY A 96 3.51 -5.36 -17.06
CA GLY A 96 2.23 -4.83 -16.58
C GLY A 96 1.75 -5.50 -15.31
N LYS A 97 2.57 -6.41 -14.78
CA LYS A 97 2.26 -7.15 -13.55
C LYS A 97 2.81 -6.39 -12.34
N PRO A 98 2.27 -6.64 -11.14
CA PRO A 98 2.80 -5.92 -9.97
C PRO A 98 4.22 -6.33 -9.59
N VAL A 99 5.04 -5.33 -9.27
CA VAL A 99 6.41 -5.56 -8.85
C VAL A 99 6.38 -6.39 -7.57
N LYS A 100 7.22 -7.42 -7.49
CA LYS A 100 7.22 -8.28 -6.30
C LYS A 100 7.80 -7.61 -5.06
N ASN A 101 7.29 -8.02 -3.92
CA ASN A 101 7.73 -7.52 -2.61
C ASN A 101 7.50 -6.04 -2.35
N ARG A 102 6.54 -5.45 -3.06
CA ARG A 102 6.23 -4.03 -2.87
C ARG A 102 5.90 -3.75 -1.39
N ASP A 103 5.32 -4.73 -0.71
CA ASP A 103 4.98 -4.54 0.70
C ASP A 103 6.24 -4.20 1.49
N LEU A 104 7.30 -4.95 1.24
CA LEU A 104 8.55 -4.72 1.94
C LEU A 104 9.29 -3.47 1.43
N TRP A 105 9.19 -3.17 0.14
CA TRP A 105 9.86 -1.98 -0.37
C TRP A 105 9.21 -0.75 0.24
N GLU A 106 7.89 -0.78 0.35
CA GLU A 106 7.14 0.34 0.92
C GLU A 106 7.56 0.50 2.38
N ALA A 107 7.62 -0.60 3.10
CA ALA A 107 8.02 -0.57 4.51
C ALA A 107 9.42 0.00 4.66
N LEU A 108 10.32 -0.33 3.73
CA LEU A 108 11.69 0.18 3.78
C LEU A 108 11.70 1.69 3.60
N LEU A 109 10.95 2.16 2.59
CA LEU A 109 10.87 3.60 2.33
C LEU A 109 10.38 4.35 3.56
N LEU A 110 9.40 3.78 4.24
CA LEU A 110 8.84 4.37 5.45
C LEU A 110 9.89 4.36 6.55
N ALA A 111 10.56 3.23 6.72
CA ALA A 111 11.58 3.11 7.77
C ALA A 111 12.78 4.04 7.56
N MET A 112 13.10 4.35 6.31
CA MET A 112 14.22 5.23 5.99
C MET A 112 13.85 6.71 6.08
N ALA A 113 12.59 7.01 5.78
CA ALA A 113 12.11 8.39 5.72
C ALA A 113 12.51 9.40 6.79
N PRO A 114 12.44 9.04 8.08
CA PRO A 114 12.81 10.00 9.13
C PRO A 114 14.30 10.27 9.22
N HIS A 115 15.09 9.40 8.59
CA HIS A 115 16.55 9.49 8.67
C HIS A 115 17.30 9.92 7.42
N ARG A 116 18.61 10.10 7.58
CA ARG A 116 19.50 10.41 6.47
C ARG A 116 20.24 9.08 6.36
N VAL A 117 19.85 8.25 5.38
CA VAL A 117 20.46 6.93 5.22
C VAL A 117 21.49 6.81 4.10
N ARG A 118 22.63 6.21 4.43
CA ARG A 118 23.71 5.98 3.47
C ARG A 118 24.00 4.48 3.50
N PHE A 119 23.79 3.82 2.37
CA PHE A 119 24.05 2.38 2.29
C PHE A 119 25.51 2.10 1.93
N HIS A 120 26.04 1.04 2.51
CA HIS A 120 27.40 0.61 2.22
C HIS A 120 27.20 -0.84 1.81
N PHE A 121 27.30 -1.12 0.51
CA PHE A 121 27.13 -2.48 0.06
C PHE A 121 28.50 -3.15 0.08
N VAL A 122 28.76 -3.80 1.20
CA VAL A 122 30.03 -4.46 1.44
C VAL A 122 30.35 -5.62 0.52
N LYS A 123 31.63 -5.77 0.21
CA LYS A 123 32.07 -6.84 -0.67
C LYS A 123 32.59 -8.04 0.09
N GLY A 124 32.41 -8.02 1.40
CA GLY A 124 32.87 -9.14 2.22
C GLY A 124 32.59 -8.89 3.69
N HIS A 125 32.89 -9.88 4.52
CA HIS A 125 32.65 -9.73 5.95
C HIS A 125 33.91 -9.35 6.72
N ALA A 126 35.03 -9.27 6.00
CA ALA A 126 36.29 -8.89 6.64
C ALA A 126 36.31 -7.40 6.91
N GLY A 127 37.02 -6.98 7.95
CA GLY A 127 37.09 -5.57 8.26
C GLY A 127 35.77 -4.94 8.67
N HIS A 128 34.80 -5.78 8.97
CA HIS A 128 33.48 -5.36 9.43
C HIS A 128 32.91 -6.55 10.18
N PRO A 129 33.48 -6.82 11.36
CA PRO A 129 33.10 -7.94 12.23
C PRO A 129 31.59 -8.02 12.44
N GLU A 130 30.95 -6.87 12.53
CA GLU A 130 29.50 -6.82 12.74
C GLU A 130 28.74 -7.51 11.61
N ASN A 131 29.25 -7.42 10.38
CA ASN A 131 28.56 -8.10 9.28
C ASN A 131 28.70 -9.61 9.43
N GLU A 132 29.84 -10.05 9.96
CA GLU A 132 30.03 -11.49 10.16
C GLU A 132 29.05 -11.97 11.23
N ARG A 133 28.87 -11.16 12.28
CA ARG A 133 27.94 -11.48 13.36
C ARG A 133 26.48 -11.47 12.89
N ALA A 134 26.13 -10.49 12.04
CA ALA A 134 24.77 -10.39 11.54
C ALA A 134 24.42 -11.58 10.65
N ASP A 135 25.40 -12.04 9.89
CA ASP A 135 25.21 -13.18 9.01
C ASP A 135 24.98 -14.42 9.88
N GLU A 136 25.75 -14.55 10.95
CA GLU A 136 25.62 -15.67 11.86
C GLU A 136 24.22 -15.67 12.46
N LEU A 137 23.74 -14.50 12.88
CA LEU A 137 22.42 -14.38 13.46
C LEU A 137 21.32 -14.76 12.46
N ALA A 138 21.42 -14.26 11.24
CA ALA A 138 20.41 -14.55 10.23
C ALA A 138 20.32 -16.05 9.93
N ARG A 139 21.47 -16.68 9.70
CA ARG A 139 21.51 -18.10 9.40
C ARG A 139 20.99 -18.97 10.55
N ALA A 140 21.27 -18.56 11.79
CA ALA A 140 20.80 -19.33 12.93
C ALA A 140 19.29 -19.20 13.03
N ALA A 141 18.78 -18.02 12.67
CA ALA A 141 17.35 -17.78 12.72
C ALA A 141 16.63 -18.60 11.62
N ALA A 142 17.29 -18.79 10.49
CA ALA A 142 16.71 -19.56 9.39
C ALA A 142 16.53 -21.02 9.80
N MET A 143 17.39 -21.46 10.71
CA MET A 143 17.32 -22.84 11.19
C MET A 143 16.38 -22.97 12.39
N ASN A 144 15.83 -21.85 12.84
CA ASN A 144 14.91 -21.83 13.98
C ASN A 144 13.74 -20.86 13.73
N PRO A 145 13.01 -21.04 12.62
CA PRO A 145 11.88 -20.16 12.29
C PRO A 145 10.76 -20.16 13.34
N THR A 146 10.32 -18.97 13.72
CA THR A 146 9.26 -18.85 14.71
C THR A 146 8.15 -17.88 14.27
N LEU A 147 8.31 -17.26 13.11
CA LEU A 147 7.32 -16.31 12.59
C LEU A 147 6.91 -16.58 11.15
N GLU A 148 5.79 -15.99 10.77
CA GLU A 148 5.30 -16.12 9.41
C GLU A 148 5.61 -14.83 8.66
N ASP A 149 6.13 -14.96 7.44
CA ASP A 149 6.40 -13.76 6.66
C ASP A 149 5.06 -13.51 5.97
N THR A 150 4.16 -12.83 6.68
CA THR A 150 2.82 -12.51 6.19
C THR A 150 2.72 -11.99 4.77
N GLY A 151 3.42 -10.89 4.48
CA GLY A 151 3.37 -10.29 3.17
C GLY A 151 3.86 -11.13 2.00
N TYR A 152 4.52 -12.24 2.30
CA TYR A 152 5.01 -13.12 1.23
C TYR A 152 3.82 -13.83 0.60
N LYS B 3 -1.01 14.39 -15.95
CA LYS B 3 -1.41 13.09 -15.35
C LYS B 3 -2.39 13.27 -14.20
N GLN B 4 -3.14 14.38 -14.23
CA GLN B 4 -4.11 14.69 -13.20
C GLN B 4 -5.53 14.25 -13.57
N VAL B 5 -5.96 13.12 -13.04
CA VAL B 5 -7.29 12.61 -13.35
C VAL B 5 -8.23 12.74 -12.16
N GLU B 6 -9.48 13.05 -12.45
CA GLU B 6 -10.49 13.19 -11.41
C GLU B 6 -11.49 12.06 -11.54
N ILE B 7 -11.88 11.47 -10.42
CA ILE B 7 -12.86 10.39 -10.43
C ILE B 7 -13.94 10.72 -9.41
N PHE B 8 -15.18 10.61 -9.85
CA PHE B 8 -16.34 10.89 -8.99
C PHE B 8 -17.17 9.61 -8.92
N THR B 9 -17.32 9.05 -7.73
CA THR B 9 -18.07 7.80 -7.60
C THR B 9 -19.16 7.82 -6.55
N ASP B 10 -20.16 6.98 -6.75
CA ASP B 10 -21.27 6.85 -5.80
C ASP B 10 -21.94 5.50 -6.06
N GLY B 11 -22.44 4.89 -4.99
CA GLY B 11 -23.10 3.61 -5.13
C GLY B 11 -24.17 3.53 -4.06
N SER B 12 -25.21 2.73 -4.30
CA SER B 12 -26.28 2.59 -3.33
C SER B 12 -27.18 1.41 -3.66
N ALA B 13 -27.95 0.97 -2.66
CA ALA B 13 -28.88 -0.14 -2.83
C ALA B 13 -30.29 0.39 -2.55
N LEU B 14 -31.28 -0.13 -3.25
CA LEU B 14 -32.66 0.31 -3.07
C LEU B 14 -33.29 -0.41 -1.88
N GLY B 15 -32.68 -1.54 -1.51
CA GLY B 15 -33.14 -2.31 -0.38
C GLY B 15 -31.96 -2.54 0.54
N ASN B 16 -32.17 -3.31 1.60
CA ASN B 16 -31.08 -3.59 2.53
C ASN B 16 -31.18 -5.00 3.11
N PRO B 17 -30.80 -6.02 2.32
CA PRO B 17 -30.29 -5.87 0.95
C PRO B 17 -31.40 -5.56 -0.05
N GLY B 18 -31.01 -5.46 -1.32
CA GLY B 18 -31.95 -5.17 -2.37
C GLY B 18 -31.16 -4.88 -3.63
N PRO B 19 -31.82 -4.51 -4.73
CA PRO B 19 -31.04 -4.23 -5.94
C PRO B 19 -30.20 -2.97 -5.72
N GLY B 20 -29.04 -2.92 -6.37
CA GLY B 20 -28.18 -1.76 -6.19
C GLY B 20 -27.42 -1.42 -7.45
N GLY B 21 -26.64 -0.35 -7.38
CA GLY B 21 -25.87 0.05 -8.53
C GLY B 21 -24.80 1.05 -8.17
N TYR B 22 -23.88 1.28 -9.09
CA TYR B 22 -22.83 2.27 -8.86
C TYR B 22 -22.69 3.13 -10.10
N GLY B 23 -22.10 4.31 -9.89
CA GLY B 23 -21.85 5.24 -10.98
C GLY B 23 -20.44 5.77 -10.80
N ALA B 24 -19.67 5.86 -11.88
CA ALA B 24 -18.30 6.37 -11.79
C ALA B 24 -18.04 7.28 -12.98
N ILE B 25 -17.55 8.47 -12.71
CA ILE B 25 -17.27 9.47 -13.74
C ILE B 25 -15.79 9.85 -13.70
N LEU B 26 -15.12 9.67 -14.83
CA LEU B 26 -13.70 10.01 -14.94
C LEU B 26 -13.55 11.25 -15.81
N ARG B 27 -12.74 12.21 -15.36
CA ARG B 27 -12.50 13.42 -16.12
C ARG B 27 -10.99 13.68 -16.22
N TYR B 28 -10.53 13.87 -17.45
CA TYR B 28 -9.12 14.12 -17.74
C TYR B 28 -9.01 15.14 -18.88
N ARG B 29 -8.26 16.21 -18.63
CA ARG B 29 -8.04 17.27 -19.61
C ARG B 29 -9.32 17.70 -20.34
N GLY B 30 -10.38 17.91 -19.57
CA GLY B 30 -11.64 18.33 -20.14
C GLY B 30 -12.52 17.28 -20.77
N ARG B 31 -12.04 16.03 -20.82
CA ARG B 31 -12.80 14.93 -21.42
C ARG B 31 -13.41 14.07 -20.31
N GLU B 32 -14.54 13.44 -20.61
CA GLU B 32 -15.24 12.61 -19.62
C GLU B 32 -15.72 11.25 -20.10
N LYS B 33 -15.62 10.26 -19.21
CA LYS B 33 -16.07 8.90 -19.47
C LYS B 33 -16.97 8.55 -18.29
N THR B 34 -18.05 7.82 -18.55
CA THR B 34 -18.98 7.46 -17.49
C THR B 34 -19.17 5.95 -17.45
N PHE B 35 -19.33 5.39 -16.24
CA PHE B 35 -19.51 3.95 -16.05
C PHE B 35 -20.59 3.68 -15.01
N SER B 36 -21.44 2.69 -15.25
CA SER B 36 -22.46 2.33 -14.27
C SER B 36 -22.83 0.86 -14.42
N ALA B 37 -23.30 0.26 -13.35
CA ALA B 37 -23.67 -1.14 -13.38
C ALA B 37 -24.68 -1.41 -12.28
N GLY B 38 -25.63 -2.30 -12.54
CA GLY B 38 -26.65 -2.62 -11.55
C GLY B 38 -26.54 -4.08 -11.09
N TYR B 39 -26.85 -4.31 -9.82
CA TYR B 39 -26.80 -5.65 -9.25
C TYR B 39 -28.14 -6.04 -8.62
N THR B 40 -28.49 -7.32 -8.75
CA THR B 40 -29.76 -7.82 -8.24
C THR B 40 -29.93 -7.86 -6.73
N ARG B 41 -28.88 -8.21 -6.01
CA ARG B 41 -28.96 -8.28 -4.55
C ARG B 41 -27.64 -7.84 -3.93
N THR B 42 -27.65 -6.69 -3.25
CA THR B 42 -26.43 -6.17 -2.64
C THR B 42 -26.77 -5.19 -1.49
N THR B 43 -25.79 -4.40 -1.07
CA THR B 43 -26.01 -3.44 0.01
C THR B 43 -25.44 -2.07 -0.32
N ASN B 44 -25.83 -1.07 0.47
CA ASN B 44 -25.35 0.30 0.32
C ASN B 44 -23.81 0.33 0.40
N ASN B 45 -23.28 -0.28 1.46
CA ASN B 45 -21.84 -0.33 1.69
C ASN B 45 -21.07 -0.96 0.51
N ARG B 46 -21.55 -2.11 0.05
CA ARG B 46 -20.88 -2.80 -1.06
C ARG B 46 -20.89 -1.97 -2.34
N MET B 47 -21.98 -1.28 -2.61
CA MET B 47 -22.04 -0.46 -3.82
C MET B 47 -21.16 0.78 -3.73
N GLU B 48 -21.04 1.36 -2.54
CA GLU B 48 -20.19 2.54 -2.37
C GLU B 48 -18.73 2.13 -2.61
N LEU B 49 -18.37 0.94 -2.13
CA LEU B 49 -17.02 0.43 -2.30
C LEU B 49 -16.79 0.00 -3.75
N LYS B 50 -17.77 -0.68 -4.34
CA LYS B 50 -17.65 -1.14 -5.72
C LYS B 50 -17.50 0.03 -6.69
N ALA B 51 -18.18 1.14 -6.40
CA ALA B 51 -18.10 2.32 -7.26
C ALA B 51 -16.66 2.84 -7.32
N ALA B 52 -15.98 2.92 -6.17
CA ALA B 52 -14.61 3.40 -6.15
C ALA B 52 -13.67 2.40 -6.84
N ILE B 53 -13.89 1.12 -6.60
CA ILE B 53 -13.06 0.08 -7.21
C ILE B 53 -13.14 0.15 -8.72
N GLU B 54 -14.36 0.17 -9.26
CA GLU B 54 -14.53 0.21 -10.70
C GLU B 54 -14.07 1.50 -11.37
N GLY B 55 -14.19 2.63 -10.67
CA GLY B 55 -13.74 3.88 -11.25
C GLY B 55 -12.24 3.82 -11.43
N LEU B 56 -11.54 3.28 -10.43
CA LEU B 56 -10.09 3.15 -10.49
C LEU B 56 -9.65 2.15 -11.54
N LYS B 57 -10.35 1.04 -11.65
CA LYS B 57 -10.02 0.01 -12.65
C LYS B 57 -10.17 0.52 -14.07
N ALA B 58 -11.03 1.53 -14.26
CA ALA B 58 -11.27 2.10 -15.57
C ALA B 58 -10.06 2.87 -16.08
N LEU B 59 -9.17 3.24 -15.17
CA LEU B 59 -7.95 3.97 -15.53
C LEU B 59 -6.88 2.94 -15.84
N LYS B 60 -6.58 2.77 -17.12
CA LYS B 60 -5.60 1.76 -17.53
C LYS B 60 -4.15 2.07 -17.17
N GLU B 61 -3.71 3.31 -17.36
CA GLU B 61 -2.32 3.62 -17.02
C GLU B 61 -2.16 4.38 -15.71
N PRO B 62 -1.04 4.17 -15.02
CA PRO B 62 -0.74 4.83 -13.74
C PRO B 62 -1.06 6.32 -13.79
N ALA B 63 -1.80 6.80 -12.79
CA ALA B 63 -2.18 8.20 -12.76
C ALA B 63 -2.25 8.78 -11.36
N GLU B 64 -2.20 10.11 -11.27
CA GLU B 64 -2.34 10.80 -10.00
C GLU B 64 -3.84 11.04 -9.99
N VAL B 65 -4.52 10.47 -8.99
CA VAL B 65 -5.97 10.61 -8.92
C VAL B 65 -6.56 11.33 -7.72
N ASP B 66 -7.61 12.08 -7.99
CA ASP B 66 -8.36 12.78 -6.96
C ASP B 66 -9.74 12.16 -7.11
N LEU B 67 -10.11 11.33 -6.14
CA LEU B 67 -11.39 10.63 -6.17
C LEU B 67 -12.32 11.23 -5.14
N TYR B 68 -13.46 11.74 -5.63
CA TYR B 68 -14.46 12.36 -4.78
C TYR B 68 -15.66 11.44 -4.60
N THR B 69 -16.08 11.26 -3.35
CA THR B 69 -17.24 10.43 -3.07
C THR B 69 -17.86 10.87 -1.74
N ASP B 70 -19.18 10.72 -1.62
CA ASP B 70 -19.81 11.10 -0.36
C ASP B 70 -20.05 9.87 0.52
N SER B 71 -19.33 8.80 0.20
CA SER B 71 -19.46 7.55 0.95
C SER B 71 -19.06 7.66 2.43
N HIS B 72 -20.02 7.39 3.31
CA HIS B 72 -19.80 7.46 4.75
C HIS B 72 -19.00 6.24 5.17
N TYR B 73 -19.24 5.13 4.46
CA TYR B 73 -18.57 3.87 4.71
C TYR B 73 -17.08 4.01 4.42
N LEU B 74 -16.74 4.59 3.28
CA LEU B 74 -15.34 4.79 2.93
C LEU B 74 -14.71 5.88 3.78
N LYS B 75 -15.46 6.94 4.05
CA LYS B 75 -14.95 8.04 4.86
C LYS B 75 -14.50 7.51 6.22
N LYS B 76 -15.40 6.82 6.90
CA LYS B 76 -15.08 6.27 8.21
C LYS B 76 -13.92 5.29 8.12
N ALA B 77 -13.94 4.43 7.12
CA ALA B 77 -12.88 3.46 6.94
C ALA B 77 -11.51 4.12 6.77
N PHE B 78 -11.45 5.20 6.00
CA PHE B 78 -10.19 5.88 5.76
C PHE B 78 -9.81 6.92 6.82
N THR B 79 -10.80 7.47 7.53
CA THR B 79 -10.51 8.48 8.54
C THR B 79 -10.17 7.92 9.92
N GLU B 80 -10.58 6.68 10.19
CA GLU B 80 -10.29 6.06 11.48
C GLU B 80 -8.99 5.27 11.41
N PRO B 98 -14.22 -11.39 11.92
CA PRO B 98 -13.67 -11.03 10.61
C PRO B 98 -14.25 -9.73 10.06
N VAL B 99 -13.51 -9.09 9.16
CA VAL B 99 -13.93 -7.83 8.55
C VAL B 99 -14.96 -8.05 7.43
N LYS B 100 -16.04 -7.29 7.51
CA LYS B 100 -17.11 -7.35 6.54
C LYS B 100 -16.66 -6.85 5.16
N ASN B 101 -17.15 -7.49 4.11
CA ASN B 101 -16.81 -7.09 2.75
C ASN B 101 -15.31 -7.11 2.45
N ARG B 102 -14.57 -8.03 3.08
CA ARG B 102 -13.13 -8.11 2.86
C ARG B 102 -12.81 -8.33 1.38
N ASP B 103 -13.70 -9.01 0.66
CA ASP B 103 -13.47 -9.26 -0.76
C ASP B 103 -13.34 -7.94 -1.53
N LEU B 104 -14.20 -6.98 -1.22
CA LEU B 104 -14.15 -5.69 -1.89
C LEU B 104 -13.03 -4.79 -1.38
N TRP B 105 -12.72 -4.89 -0.09
CA TRP B 105 -11.63 -4.08 0.44
C TRP B 105 -10.34 -4.50 -0.26
N GLU B 106 -10.16 -5.80 -0.45
CA GLU B 106 -8.95 -6.28 -1.13
C GLU B 106 -8.94 -5.78 -2.57
N ALA B 107 -10.10 -5.85 -3.22
CA ALA B 107 -10.21 -5.37 -4.61
C ALA B 107 -9.88 -3.88 -4.71
N LEU B 108 -10.24 -3.12 -3.68
CA LEU B 108 -9.95 -1.69 -3.69
C LEU B 108 -8.44 -1.43 -3.54
N LEU B 109 -7.80 -2.15 -2.63
CA LEU B 109 -6.37 -1.99 -2.43
C LEU B 109 -5.65 -2.30 -3.73
N LEU B 110 -6.11 -3.34 -4.41
CA LEU B 110 -5.51 -3.75 -5.67
C LEU B 110 -5.77 -2.73 -6.79
N ALA B 111 -6.98 -2.15 -6.79
CA ALA B 111 -7.32 -1.16 -7.82
C ALA B 111 -6.55 0.16 -7.60
N MET B 112 -6.21 0.47 -6.36
CA MET B 112 -5.47 1.68 -6.04
C MET B 112 -3.97 1.55 -6.33
N ALA B 113 -3.49 0.31 -6.33
CA ALA B 113 -2.08 -0.02 -6.52
C ALA B 113 -1.25 0.76 -7.54
N PRO B 114 -1.70 0.80 -8.81
CA PRO B 114 -0.95 1.51 -9.86
C PRO B 114 -1.04 3.03 -9.85
N HIS B 115 -1.85 3.59 -8.94
CA HIS B 115 -2.07 5.03 -8.89
C HIS B 115 -1.73 5.70 -7.57
N ARG B 116 -1.66 7.03 -7.63
CA ARG B 116 -1.43 7.86 -6.44
C ARG B 116 -2.82 8.43 -6.20
N VAL B 117 -3.57 7.81 -5.30
CA VAL B 117 -4.94 8.22 -5.04
C VAL B 117 -5.17 9.11 -3.81
N ARG B 118 -5.76 10.26 -4.05
CA ARG B 118 -6.08 11.15 -2.95
C ARG B 118 -7.59 11.14 -2.83
N PHE B 119 -8.10 10.66 -1.71
CA PHE B 119 -9.54 10.61 -1.49
C PHE B 119 -10.09 11.92 -0.93
N HIS B 120 -11.27 12.30 -1.41
CA HIS B 120 -11.95 13.50 -0.98
C HIS B 120 -13.36 13.09 -0.58
N PHE B 121 -13.61 13.01 0.73
CA PHE B 121 -14.92 12.63 1.20
C PHE B 121 -15.78 13.87 1.37
N VAL B 122 -16.64 14.09 0.38
CA VAL B 122 -17.53 15.24 0.33
C VAL B 122 -18.84 15.11 1.09
N LYS B 123 -19.45 16.26 1.38
CA LYS B 123 -20.71 16.34 2.12
C LYS B 123 -21.93 16.42 1.21
N GLY B 124 -22.28 15.31 0.56
CA GLY B 124 -23.44 15.31 -0.30
C GLY B 124 -23.16 15.77 -1.71
N HIS B 125 -24.20 16.26 -2.38
CA HIS B 125 -24.09 16.73 -3.76
C HIS B 125 -24.02 18.25 -3.91
N ALA B 126 -24.34 18.96 -2.83
CA ALA B 126 -24.30 20.42 -2.85
C ALA B 126 -22.89 20.89 -3.19
N GLY B 127 -22.72 21.42 -4.41
CA GLY B 127 -21.42 21.90 -4.83
C GLY B 127 -20.59 20.83 -5.49
N HIS B 128 -21.21 19.67 -5.74
CA HIS B 128 -20.51 18.55 -6.36
C HIS B 128 -21.39 17.95 -7.46
N PRO B 129 -21.57 18.68 -8.55
CA PRO B 129 -22.39 18.24 -9.69
C PRO B 129 -22.05 16.85 -10.23
N GLU B 130 -20.77 16.53 -10.36
CA GLU B 130 -20.38 15.22 -10.87
C GLU B 130 -20.81 14.10 -9.94
N ASN B 131 -20.75 14.35 -8.63
CA ASN B 131 -21.16 13.33 -7.67
C ASN B 131 -22.68 13.16 -7.73
N GLU B 132 -23.39 14.28 -7.88
CA GLU B 132 -24.84 14.22 -7.99
C GLU B 132 -25.14 13.34 -9.21
N ARG B 133 -24.38 13.54 -10.29
CA ARG B 133 -24.59 12.74 -11.50
C ARG B 133 -24.21 11.27 -11.34
N ALA B 134 -23.17 10.99 -10.56
CA ALA B 134 -22.75 9.59 -10.33
C ALA B 134 -23.85 8.87 -9.54
N ASP B 135 -24.48 9.60 -8.63
CA ASP B 135 -25.55 9.05 -7.82
C ASP B 135 -26.73 8.70 -8.75
N GLU B 136 -26.99 9.58 -9.71
CA GLU B 136 -28.06 9.36 -10.67
C GLU B 136 -27.81 8.10 -11.49
N LEU B 137 -26.55 7.91 -11.90
CA LEU B 137 -26.21 6.73 -12.69
C LEU B 137 -26.42 5.46 -11.88
N ALA B 138 -26.02 5.51 -10.61
CA ALA B 138 -26.16 4.35 -9.74
C ALA B 138 -27.62 3.97 -9.56
N ARG B 139 -28.46 4.95 -9.27
CA ARG B 139 -29.88 4.71 -9.07
C ARG B 139 -30.54 4.15 -10.32
N ALA B 140 -30.23 4.73 -11.47
CA ALA B 140 -30.81 4.24 -12.71
C ALA B 140 -30.40 2.80 -12.97
N ALA B 141 -29.13 2.47 -12.72
CA ALA B 141 -28.67 1.10 -12.94
C ALA B 141 -29.36 0.12 -11.99
N ALA B 142 -29.66 0.59 -10.77
CA ALA B 142 -30.32 -0.24 -9.77
C ALA B 142 -31.78 -0.53 -10.11
N MET B 143 -32.37 0.26 -11.01
CA MET B 143 -33.75 0.04 -11.37
C MET B 143 -33.94 -1.12 -12.34
N ASN B 144 -32.89 -1.44 -13.10
CA ASN B 144 -32.97 -2.55 -14.04
C ASN B 144 -31.67 -3.35 -13.97
N PRO B 145 -31.41 -3.99 -12.82
CA PRO B 145 -30.20 -4.79 -12.63
C PRO B 145 -30.29 -6.20 -13.19
N THR B 146 -29.16 -6.72 -13.63
CA THR B 146 -29.11 -8.06 -14.19
C THR B 146 -27.94 -8.84 -13.61
N LEU B 147 -26.87 -8.14 -13.27
CA LEU B 147 -25.68 -8.78 -12.72
C LEU B 147 -25.81 -9.14 -11.25
N GLU B 148 -25.18 -10.24 -10.86
CA GLU B 148 -25.21 -10.67 -9.47
C GLU B 148 -23.94 -10.17 -8.81
N ASP B 149 -24.06 -9.73 -7.56
CA ASP B 149 -22.91 -9.29 -6.80
C ASP B 149 -22.41 -10.60 -6.21
N THR B 150 -21.51 -11.24 -6.96
CA THR B 150 -20.92 -12.52 -6.62
C THR B 150 -20.28 -12.64 -5.23
N GLY B 151 -19.93 -11.52 -4.62
CA GLY B 151 -19.32 -11.56 -3.31
C GLY B 151 -20.27 -11.30 -2.15
N TYR B 152 -21.51 -10.94 -2.45
CA TYR B 152 -22.46 -10.65 -1.39
C TYR B 152 -22.87 -11.93 -0.66
N LYS C 3 9.67 -16.05 -18.31
CA LYS C 3 9.39 -17.38 -17.68
C LYS C 3 8.48 -17.22 -16.48
N GLN C 4 7.80 -16.08 -16.41
CA GLN C 4 6.89 -15.79 -15.32
C GLN C 4 5.50 -16.26 -15.70
N VAL C 5 4.87 -17.02 -14.83
CA VAL C 5 3.52 -17.52 -15.12
C VAL C 5 2.59 -17.27 -13.94
N GLU C 6 1.33 -16.98 -14.25
CA GLU C 6 0.32 -16.75 -13.24
C GLU C 6 -0.65 -17.92 -13.31
N ILE C 7 -0.99 -18.47 -12.15
CA ILE C 7 -1.94 -19.58 -12.13
C ILE C 7 -3.04 -19.23 -11.14
N PHE C 8 -4.29 -19.38 -11.58
CA PHE C 8 -5.46 -19.08 -10.76
C PHE C 8 -6.22 -20.38 -10.56
N THR C 9 -6.37 -20.83 -9.32
CA THR C 9 -7.03 -22.10 -9.09
C THR C 9 -8.20 -22.07 -8.13
N ASP C 10 -9.13 -23.01 -8.30
CA ASP C 10 -10.28 -23.10 -7.43
C ASP C 10 -10.85 -24.51 -7.48
N GLY C 11 -11.20 -25.03 -6.30
CA GLY C 11 -11.78 -26.36 -6.23
C GLY C 11 -12.94 -26.28 -5.26
N SER C 12 -13.97 -27.09 -5.51
CA SER C 12 -15.13 -27.11 -4.62
C SER C 12 -15.92 -28.40 -4.71
N ALA C 13 -16.78 -28.61 -3.73
CA ALA C 13 -17.62 -29.81 -3.67
C ALA C 13 -18.99 -29.40 -3.15
N LEU C 14 -20.02 -30.08 -3.65
CA LEU C 14 -21.41 -29.80 -3.29
C LEU C 14 -21.86 -30.44 -1.98
N GLY C 15 -20.98 -31.24 -1.39
CA GLY C 15 -21.31 -31.89 -0.14
C GLY C 15 -20.01 -32.28 0.53
N ASN C 16 -20.12 -33.08 1.58
CA ASN C 16 -18.92 -33.51 2.30
C ASN C 16 -19.10 -34.96 2.76
N PRO C 17 -18.85 -35.92 1.86
CA PRO C 17 -18.43 -35.68 0.47
C PRO C 17 -19.58 -35.37 -0.46
N GLY C 18 -19.27 -35.22 -1.74
CA GLY C 18 -20.28 -34.93 -2.73
C GLY C 18 -19.61 -34.64 -4.07
N PRO C 19 -20.40 -34.51 -5.15
CA PRO C 19 -19.80 -34.24 -6.46
C PRO C 19 -18.98 -32.96 -6.35
N GLY C 20 -17.83 -32.93 -7.00
CA GLY C 20 -16.98 -31.75 -6.93
C GLY C 20 -16.14 -31.60 -8.19
N GLY C 21 -15.39 -30.51 -8.25
CA GLY C 21 -14.56 -30.31 -9.43
C GLY C 21 -13.52 -29.25 -9.19
N TYR C 22 -12.64 -29.06 -10.17
CA TYR C 22 -11.61 -28.04 -10.06
C TYR C 22 -11.50 -27.27 -11.35
N GLY C 23 -10.90 -26.10 -11.25
CA GLY C 23 -10.68 -25.25 -12.40
C GLY C 23 -9.32 -24.61 -12.19
N ALA C 24 -8.49 -24.60 -13.23
CA ALA C 24 -7.18 -23.96 -13.15
C ALA C 24 -6.94 -23.20 -14.43
N ILE C 25 -6.52 -21.94 -14.28
CA ILE C 25 -6.22 -21.09 -15.43
C ILE C 25 -4.77 -20.62 -15.37
N LEU C 26 -4.02 -20.90 -16.44
CA LEU C 26 -2.61 -20.52 -16.51
C LEU C 26 -2.47 -19.39 -17.52
N ARG C 27 -1.83 -18.31 -17.11
CA ARG C 27 -1.61 -17.18 -17.99
C ARG C 27 -0.12 -16.87 -18.12
N TYR C 28 0.39 -16.99 -19.34
CA TYR C 28 1.79 -16.70 -19.64
C TYR C 28 1.76 -15.40 -20.42
N ARG C 29 2.89 -15.04 -21.01
CA ARG C 29 2.94 -13.84 -21.83
C ARG C 29 1.91 -14.04 -22.93
N GLY C 30 0.75 -13.41 -22.77
CA GLY C 30 -0.32 -13.54 -23.75
C GLY C 30 -1.15 -14.81 -23.64
N ARG C 31 -0.52 -15.95 -23.88
CA ARG C 31 -1.19 -17.26 -23.85
C ARG C 31 -1.99 -17.59 -22.60
N GLU C 32 -3.04 -18.40 -22.78
CA GLU C 32 -3.86 -18.84 -21.66
C GLU C 32 -4.30 -20.28 -21.87
N LYS C 33 -4.19 -21.06 -20.82
CA LYS C 33 -4.58 -22.46 -20.84
C LYS C 33 -5.52 -22.65 -19.66
N THR C 34 -6.52 -23.49 -19.82
CA THR C 34 -7.47 -23.75 -18.74
C THR C 34 -7.64 -25.25 -18.59
N PHE C 35 -7.89 -25.70 -17.37
CA PHE C 35 -8.04 -27.12 -17.06
C PHE C 35 -9.16 -27.29 -16.03
N SER C 36 -10.02 -28.28 -16.24
CA SER C 36 -11.11 -28.54 -15.32
C SER C 36 -11.53 -29.99 -15.39
N ALA C 37 -11.97 -30.54 -14.26
CA ALA C 37 -12.43 -31.93 -14.21
C ALA C 37 -13.37 -32.11 -13.03
N GLY C 38 -14.32 -33.03 -13.18
CA GLY C 38 -15.29 -33.28 -12.13
C GLY C 38 -15.18 -34.67 -11.55
N TYR C 39 -15.45 -34.78 -10.25
CA TYR C 39 -15.38 -36.05 -9.54
C TYR C 39 -16.69 -36.40 -8.83
N THR C 40 -17.07 -37.67 -8.93
CA THR C 40 -18.31 -38.16 -8.33
C THR C 40 -18.46 -38.01 -6.82
N ARG C 41 -17.39 -38.23 -6.08
CA ARG C 41 -17.48 -38.14 -4.63
C ARG C 41 -16.15 -37.66 -4.06
N THR C 42 -16.16 -36.41 -3.59
CA THR C 42 -14.96 -35.80 -3.04
C THR C 42 -15.30 -34.69 -2.04
N THR C 43 -14.29 -33.90 -1.65
CA THR C 43 -14.49 -32.81 -0.70
C THR C 43 -13.91 -31.50 -1.21
N ASN C 44 -14.29 -30.40 -0.55
CA ASN C 44 -13.80 -29.07 -0.91
C ASN C 44 -12.28 -29.04 -0.78
N ASN C 45 -11.77 -29.51 0.35
CA ASN C 45 -10.34 -29.55 0.59
C ASN C 45 -9.57 -30.28 -0.51
N ARG C 46 -10.04 -31.47 -0.87
CA ARG C 46 -9.36 -32.23 -1.90
C ARG C 46 -9.40 -31.58 -3.28
N MET C 47 -10.50 -30.92 -3.62
CA MET C 47 -10.59 -30.28 -4.92
C MET C 47 -9.72 -29.01 -4.94
N GLU C 48 -9.64 -28.32 -3.81
CA GLU C 48 -8.80 -27.12 -3.72
C GLU C 48 -7.34 -27.52 -3.97
N LEU C 49 -6.94 -28.65 -3.40
CA LEU C 49 -5.59 -29.15 -3.56
C LEU C 49 -5.38 -29.64 -5.00
N LYS C 50 -6.33 -30.41 -5.53
CA LYS C 50 -6.24 -30.95 -6.88
C LYS C 50 -6.12 -29.81 -7.91
N ALA C 51 -6.80 -28.71 -7.66
CA ALA C 51 -6.75 -27.56 -8.57
C ALA C 51 -5.32 -27.03 -8.71
N ALA C 52 -4.64 -26.87 -7.58
CA ALA C 52 -3.25 -26.37 -7.59
C ALA C 52 -2.32 -27.38 -8.26
N ILE C 53 -2.53 -28.66 -7.94
CA ILE C 53 -1.72 -29.74 -8.51
C ILE C 53 -1.80 -29.76 -10.03
N GLU C 54 -3.00 -29.83 -10.56
CA GLU C 54 -3.18 -29.88 -12.00
C GLU C 54 -2.73 -28.60 -12.69
N GLY C 55 -2.90 -27.46 -12.01
CA GLY C 55 -2.45 -26.20 -12.59
C GLY C 55 -0.94 -26.21 -12.76
N LEU C 56 -0.24 -26.71 -11.75
CA LEU C 56 1.22 -26.76 -11.78
C LEU C 56 1.75 -27.85 -12.72
N LYS C 57 1.05 -28.98 -12.79
CA LYS C 57 1.48 -30.08 -13.66
C LYS C 57 1.40 -29.71 -15.14
N ALA C 58 0.61 -28.69 -15.45
CA ALA C 58 0.45 -28.22 -16.83
C ALA C 58 1.70 -27.52 -17.35
N LEU C 59 2.56 -27.05 -16.45
CA LEU C 59 3.80 -26.39 -16.84
C LEU C 59 4.74 -27.44 -17.41
N LYS C 60 5.28 -27.20 -18.59
CA LYS C 60 6.16 -28.17 -19.23
C LYS C 60 7.66 -27.88 -19.06
N GLU C 61 7.98 -26.75 -18.45
CA GLU C 61 9.37 -26.38 -18.19
C GLU C 61 9.39 -25.57 -16.90
N PRO C 62 10.55 -25.49 -16.23
CA PRO C 62 10.65 -24.72 -14.99
C PRO C 62 10.15 -23.29 -15.19
N ALA C 63 9.47 -22.74 -14.18
CA ALA C 63 8.95 -21.38 -14.28
C ALA C 63 8.77 -20.70 -12.93
N GLU C 64 8.80 -19.37 -12.96
CA GLU C 64 8.58 -18.59 -11.74
C GLU C 64 7.06 -18.49 -11.73
N VAL C 65 6.45 -18.98 -10.65
CA VAL C 65 5.00 -19.00 -10.58
C VAL C 65 4.35 -18.22 -9.44
N ASP C 66 3.31 -17.47 -9.80
CA ASP C 66 2.53 -16.75 -8.81
C ASP C 66 1.20 -17.46 -8.88
N LEU C 67 0.88 -18.21 -7.83
CA LEU C 67 -0.36 -18.97 -7.81
C LEU C 67 -1.38 -18.34 -6.86
N TYR C 68 -2.49 -17.92 -7.44
CA TYR C 68 -3.55 -17.28 -6.67
C TYR C 68 -4.68 -18.23 -6.38
N THR C 69 -5.00 -18.40 -5.10
CA THR C 69 -6.08 -19.28 -4.69
C THR C 69 -6.70 -18.78 -3.38
N ASP C 70 -7.96 -19.10 -3.14
CA ASP C 70 -8.61 -18.65 -1.91
C ASP C 70 -8.70 -19.76 -0.85
N SER C 71 -8.11 -20.92 -1.16
CA SER C 71 -8.14 -22.06 -0.25
C SER C 71 -7.65 -21.80 1.18
N HIS C 72 -8.55 -21.97 2.16
CA HIS C 72 -8.19 -21.80 3.57
C HIS C 72 -7.33 -22.99 3.97
N TYR C 73 -7.64 -24.14 3.37
CA TYR C 73 -6.93 -25.39 3.63
C TYR C 73 -5.47 -25.22 3.26
N LEU C 74 -5.23 -24.72 2.05
CA LEU C 74 -3.88 -24.49 1.57
C LEU C 74 -3.18 -23.36 2.34
N LYS C 75 -3.91 -22.28 2.61
CA LYS C 75 -3.33 -21.14 3.31
C LYS C 75 -2.80 -21.57 4.68
N LYS C 76 -3.62 -22.29 5.43
CA LYS C 76 -3.23 -22.74 6.75
C LYS C 76 -2.00 -23.62 6.67
N ALA C 77 -1.95 -24.50 5.67
CA ALA C 77 -0.82 -25.39 5.50
C ALA C 77 0.47 -24.63 5.16
N PHE C 78 0.38 -23.66 4.24
CA PHE C 78 1.54 -22.88 3.83
C PHE C 78 1.90 -21.68 4.69
N THR C 79 0.99 -21.26 5.56
CA THR C 79 1.28 -20.14 6.45
C THR C 79 1.38 -20.76 7.85
N GLU C 80 1.87 -22.00 7.88
CA GLU C 80 2.04 -22.76 9.11
C GLU C 80 2.79 -24.06 8.82
N VAL C 99 -1.98 -38.13 8.13
CA VAL C 99 -2.50 -36.81 7.83
C VAL C 99 -3.58 -36.89 6.75
N LYS C 100 -4.54 -35.98 6.80
CA LYS C 100 -5.62 -35.95 5.84
C LYS C 100 -5.14 -35.64 4.42
N ASN C 101 -5.50 -36.50 3.47
CA ASN C 101 -5.16 -36.31 2.06
C ASN C 101 -3.67 -36.35 1.73
N ARG C 102 -2.97 -37.35 2.26
CA ARG C 102 -1.53 -37.47 2.00
C ARG C 102 -1.19 -37.63 0.52
N ASP C 103 -1.99 -38.42 -0.21
CA ASP C 103 -1.74 -38.66 -1.62
C ASP C 103 -1.67 -37.35 -2.42
N LEU C 104 -2.54 -36.41 -2.09
CA LEU C 104 -2.55 -35.14 -2.80
C LEU C 104 -1.44 -34.19 -2.36
N TRP C 105 -1.16 -34.14 -1.06
CA TRP C 105 -0.10 -33.27 -0.58
C TRP C 105 1.22 -33.69 -1.21
N GLU C 106 1.39 -35.00 -1.35
CA GLU C 106 2.58 -35.57 -1.96
C GLU C 106 2.68 -35.08 -3.40
N ALA C 107 1.56 -35.18 -4.12
CA ALA C 107 1.52 -34.76 -5.51
C ALA C 107 1.81 -33.27 -5.65
N LEU C 108 1.30 -32.47 -4.70
CA LEU C 108 1.54 -31.02 -4.77
C LEU C 108 3.02 -30.70 -4.60
N LEU C 109 3.68 -31.34 -3.63
CA LEU C 109 5.10 -31.10 -3.42
C LEU C 109 5.89 -31.44 -4.68
N LEU C 110 5.54 -32.57 -5.29
CA LEU C 110 6.21 -33.00 -6.52
C LEU C 110 5.91 -32.05 -7.68
N ALA C 111 4.71 -31.48 -7.70
CA ALA C 111 4.35 -30.57 -8.78
C ALA C 111 5.01 -29.20 -8.65
N MET C 112 5.33 -28.79 -7.43
CA MET C 112 5.95 -27.50 -7.17
C MET C 112 7.48 -27.52 -7.31
N ALA C 113 8.06 -28.67 -7.00
CA ALA C 113 9.52 -28.86 -7.00
C ALA C 113 10.34 -28.22 -8.13
N PRO C 114 9.92 -28.37 -9.39
CA PRO C 114 10.67 -27.80 -10.53
C PRO C 114 10.56 -26.29 -10.65
N HIS C 115 9.61 -25.71 -9.93
CA HIS C 115 9.33 -24.28 -10.02
C HIS C 115 9.60 -23.46 -8.77
N ARG C 116 9.58 -22.15 -8.95
CA ARG C 116 9.75 -21.18 -7.87
C ARG C 116 8.30 -20.71 -7.68
N VAL C 117 7.59 -21.33 -6.75
CA VAL C 117 6.18 -21.03 -6.53
C VAL C 117 5.83 -20.11 -5.36
N ARG C 118 5.26 -18.95 -5.70
CA ARG C 118 4.84 -18.00 -4.71
C ARG C 118 3.32 -18.05 -4.62
N PHE C 119 2.80 -18.53 -3.50
CA PHE C 119 1.36 -18.61 -3.30
C PHE C 119 0.82 -17.24 -2.90
N HIS C 120 -0.40 -16.96 -3.33
CA HIS C 120 -1.09 -15.72 -3.00
C HIS C 120 -2.49 -16.15 -2.54
N PHE C 121 -2.73 -16.05 -1.25
CA PHE C 121 -4.03 -16.46 -0.73
C PHE C 121 -5.01 -15.28 -0.73
N VAL C 122 -5.82 -15.24 -1.77
CA VAL C 122 -6.78 -14.17 -1.96
C VAL C 122 -7.96 -14.21 -1.00
N LYS C 123 -8.50 -13.02 -0.71
CA LYS C 123 -9.61 -12.89 0.22
C LYS C 123 -10.98 -12.95 -0.44
N GLY C 124 -11.01 -12.99 -1.77
CA GLY C 124 -12.27 -13.04 -2.49
C GLY C 124 -12.04 -13.11 -3.98
N HIS C 125 -13.11 -13.14 -4.77
CA HIS C 125 -12.98 -13.22 -6.23
C HIS C 125 -13.03 -11.87 -6.95
N ALA C 126 -13.47 -10.83 -6.24
CA ALA C 126 -13.52 -9.50 -6.83
C ALA C 126 -12.07 -9.07 -6.99
N GLY C 127 -11.76 -8.31 -8.03
CA GLY C 127 -10.38 -7.90 -8.19
C GLY C 127 -9.49 -9.08 -8.53
N HIS C 128 -10.10 -10.26 -8.67
CA HIS C 128 -9.41 -11.49 -9.04
C HIS C 128 -10.26 -12.18 -10.11
N PRO C 129 -10.51 -11.49 -11.23
CA PRO C 129 -11.33 -12.00 -12.35
C PRO C 129 -11.04 -13.44 -12.76
N GLU C 130 -9.76 -13.78 -12.87
CA GLU C 130 -9.39 -15.13 -13.26
C GLU C 130 -9.83 -16.14 -12.21
N ASN C 131 -9.77 -15.76 -10.93
CA ASN C 131 -10.21 -16.67 -9.87
C ASN C 131 -11.71 -16.93 -9.97
N GLU C 132 -12.46 -15.91 -10.38
CA GLU C 132 -13.90 -16.07 -10.53
C GLU C 132 -14.16 -17.02 -11.69
N ARG C 133 -13.34 -16.92 -12.74
CA ARG C 133 -13.49 -17.79 -13.89
C ARG C 133 -13.13 -19.21 -13.52
N ALA C 134 -12.12 -19.37 -12.66
CA ALA C 134 -11.68 -20.69 -12.24
C ALA C 134 -12.78 -21.35 -11.39
N ASP C 135 -13.42 -20.54 -10.56
CA ASP C 135 -14.50 -21.03 -9.73
C ASP C 135 -15.64 -21.51 -10.64
N GLU C 136 -15.92 -20.74 -11.68
CA GLU C 136 -16.98 -21.09 -12.62
C GLU C 136 -16.70 -22.45 -13.23
N LEU C 137 -15.45 -22.67 -13.62
CA LEU C 137 -15.04 -23.94 -14.23
C LEU C 137 -15.23 -25.12 -13.27
N ALA C 138 -14.80 -24.94 -12.02
CA ALA C 138 -14.91 -25.98 -11.01
C ALA C 138 -16.37 -26.35 -10.75
N ARG C 139 -17.21 -25.33 -10.54
CA ARG C 139 -18.63 -25.56 -10.29
C ARG C 139 -19.30 -26.29 -11.46
N ALA C 140 -18.97 -25.87 -12.67
CA ALA C 140 -19.54 -26.47 -13.88
C ALA C 140 -19.10 -27.92 -14.05
N ALA C 141 -17.89 -28.22 -13.60
CA ALA C 141 -17.37 -29.58 -13.70
C ALA C 141 -18.04 -30.48 -12.66
N ALA C 142 -18.40 -29.90 -11.53
CA ALA C 142 -19.03 -30.66 -10.45
C ALA C 142 -20.45 -31.10 -10.82
N MET C 143 -21.09 -30.34 -11.69
CA MET C 143 -22.45 -30.68 -12.12
C MET C 143 -22.44 -31.86 -13.10
N ASN C 144 -21.26 -32.19 -13.60
CA ASN C 144 -21.10 -33.31 -14.53
C ASN C 144 -19.83 -34.11 -14.27
N PRO C 145 -19.76 -34.79 -13.11
CA PRO C 145 -18.58 -35.59 -12.76
C PRO C 145 -18.50 -36.89 -13.54
N THR C 146 -17.30 -37.22 -14.01
CA THR C 146 -17.08 -38.43 -14.80
C THR C 146 -15.89 -39.22 -14.26
N LEU C 147 -15.18 -38.62 -13.32
CA LEU C 147 -14.01 -39.25 -12.76
C LEU C 147 -14.17 -39.66 -11.30
N GLU C 148 -13.36 -40.63 -10.90
CA GLU C 148 -13.38 -41.12 -9.53
C GLU C 148 -12.20 -40.54 -8.77
N ASP C 149 -12.48 -39.86 -7.66
CA ASP C 149 -11.41 -39.33 -6.84
C ASP C 149 -11.08 -40.49 -5.90
N THR C 150 -10.45 -41.53 -6.46
CA THR C 150 -10.10 -42.73 -5.71
C THR C 150 -9.46 -42.45 -4.36
N GLY C 151 -8.54 -41.51 -4.35
CA GLY C 151 -7.84 -41.17 -3.14
C GLY C 151 -8.63 -40.54 -2.02
N TYR C 152 -9.90 -40.18 -2.25
CA TYR C 152 -10.72 -39.56 -1.21
C TYR C 152 -10.48 -40.20 0.19
N GLN C 153 -9.19 -40.26 0.53
CA GLN C 153 -8.63 -40.78 1.77
C GLN C 153 -7.91 -39.55 2.28
N LYS D 3 9.23 44.06 19.58
CA LYS D 3 7.97 43.58 18.92
C LYS D 3 8.30 42.63 17.78
N GLN D 4 9.60 42.42 17.54
CA GLN D 4 10.04 41.54 16.46
C GLN D 4 10.24 40.11 16.96
N VAL D 5 9.73 39.17 16.18
CA VAL D 5 9.84 37.76 16.53
C VAL D 5 10.32 36.97 15.31
N GLU D 6 11.17 35.98 15.55
CA GLU D 6 11.66 35.13 14.48
C GLU D 6 11.00 33.77 14.63
N ILE D 7 10.50 33.24 13.52
CA ILE D 7 9.85 31.94 13.53
C ILE D 7 10.48 31.09 12.44
N PHE D 8 10.83 29.86 12.79
CA PHE D 8 11.47 28.96 11.82
C PHE D 8 10.60 27.71 11.73
N THR D 9 10.07 27.41 10.55
CA THR D 9 9.17 26.28 10.40
C THR D 9 9.57 25.25 9.35
N ASP D 10 9.13 24.01 9.55
CA ASP D 10 9.41 22.96 8.58
C ASP D 10 8.46 21.82 8.84
N GLY D 11 8.10 21.09 7.80
CA GLY D 11 7.21 19.96 7.97
C GLY D 11 7.48 18.95 6.90
N SER D 12 7.14 17.69 7.17
CA SER D 12 7.36 16.67 6.17
C SER D 12 6.49 15.45 6.45
N ALA D 13 6.33 14.62 5.43
CA ALA D 13 5.54 13.40 5.54
C ALA D 13 6.49 12.26 5.17
N LEU D 14 6.33 11.12 5.83
CA LEU D 14 7.18 9.97 5.56
C LEU D 14 6.64 9.12 4.43
N GLY D 15 5.48 9.51 3.92
CA GLY D 15 4.85 8.81 2.82
C GLY D 15 4.03 9.80 2.02
N ASN D 16 3.44 9.38 0.91
CA ASN D 16 2.62 10.29 0.11
C ASN D 16 1.36 9.58 -0.41
N PRO D 17 0.32 9.48 0.44
CA PRO D 17 0.35 10.00 1.82
C PRO D 17 1.09 9.09 2.79
N GLY D 18 1.33 9.61 3.99
CA GLY D 18 2.02 8.84 5.00
C GLY D 18 2.01 9.62 6.30
N PRO D 19 2.54 9.05 7.38
CA PRO D 19 2.55 9.80 8.64
C PRO D 19 3.44 11.03 8.46
N GLY D 20 3.12 12.11 9.15
CA GLY D 20 3.92 13.30 9.01
C GLY D 20 3.96 14.12 10.27
N GLY D 21 4.69 15.22 10.22
CA GLY D 21 4.78 16.10 11.37
C GLY D 21 5.29 17.47 11.02
N TYR D 22 5.19 18.40 11.96
CA TYR D 22 5.70 19.73 11.73
C TYR D 22 6.49 20.17 12.93
N GLY D 23 7.33 21.18 12.69
CA GLY D 23 8.15 21.73 13.75
C GLY D 23 8.17 23.24 13.56
N ALA D 24 7.95 23.98 14.65
CA ALA D 24 7.97 25.44 14.58
C ALA D 24 8.74 25.95 15.79
N ILE D 25 9.72 26.81 15.53
CA ILE D 25 10.55 27.38 16.60
C ILE D 25 10.36 28.90 16.63
N LEU D 26 10.01 29.42 17.80
CA LEU D 26 9.82 30.87 17.96
C LEU D 26 10.91 31.40 18.87
N ARG D 27 11.58 32.47 18.45
CA ARG D 27 12.62 33.06 19.27
C ARG D 27 12.45 34.56 19.34
N TYR D 28 12.38 35.08 20.54
CA TYR D 28 12.23 36.51 20.76
C TYR D 28 13.27 37.01 21.74
N ARG D 29 14.15 37.89 21.26
CA ARG D 29 15.20 38.48 22.08
C ARG D 29 15.92 37.42 22.91
N GLY D 30 15.81 36.17 22.51
CA GLY D 30 16.46 35.10 23.25
C GLY D 30 15.52 33.95 23.61
N ARG D 31 14.53 34.23 24.45
CA ARG D 31 13.57 33.20 24.86
C ARG D 31 13.16 32.37 23.66
N GLU D 32 13.04 31.05 23.85
CA GLU D 32 12.67 30.17 22.75
C GLU D 32 11.58 29.18 23.11
N LYS D 33 10.63 29.02 22.20
CA LYS D 33 9.56 28.05 22.38
C LYS D 33 9.49 27.24 21.09
N THR D 34 9.18 25.97 21.23
CA THR D 34 9.08 25.11 20.06
C THR D 34 7.74 24.38 20.07
N PHE D 35 7.24 24.04 18.89
CA PHE D 35 5.96 23.36 18.75
C PHE D 35 6.07 22.28 17.71
N SER D 36 5.52 21.11 18.01
CA SER D 36 5.55 20.00 17.07
C SER D 36 4.34 19.11 17.28
N ALA D 37 3.96 18.38 16.24
CA ALA D 37 2.84 17.47 16.31
C ALA D 37 2.94 16.49 15.14
N GLY D 38 2.48 15.26 15.35
CA GLY D 38 2.52 14.25 14.32
C GLY D 38 1.13 13.85 13.88
N TYR D 39 0.99 13.51 12.60
CA TYR D 39 -0.30 13.12 12.03
C TYR D 39 -0.21 11.76 11.36
N THR D 40 -1.28 10.97 11.50
CA THR D 40 -1.33 9.62 10.96
C THR D 40 -1.25 9.48 9.44
N ARG D 41 -1.95 10.35 8.73
CA ARG D 41 -1.94 10.29 7.27
C ARG D 41 -2.03 11.70 6.73
N THR D 42 -0.98 12.13 6.04
CA THR D 42 -0.95 13.48 5.50
C THR D 42 0.06 13.56 4.36
N THR D 43 0.37 14.77 3.93
CA THR D 43 1.33 14.98 2.85
C THR D 43 2.38 16.00 3.25
N ASN D 44 3.48 16.02 2.51
CA ASN D 44 4.56 16.95 2.80
C ASN D 44 4.08 18.39 2.65
N ASN D 45 3.36 18.68 1.57
CA ASN D 45 2.83 20.03 1.34
C ASN D 45 1.98 20.49 2.53
N ARG D 46 1.09 19.62 2.97
CA ARG D 46 0.21 19.95 4.09
C ARG D 46 1.00 20.21 5.37
N MET D 47 2.04 19.40 5.64
CA MET D 47 2.84 19.60 6.84
C MET D 47 3.68 20.89 6.76
N GLU D 48 4.14 21.26 5.56
CA GLU D 48 4.91 22.49 5.45
C GLU D 48 3.98 23.67 5.73
N LEU D 49 2.74 23.57 5.25
CA LEU D 49 1.77 24.63 5.47
C LEU D 49 1.34 24.64 6.94
N LYS D 50 1.07 23.47 7.50
CA LYS D 50 0.66 23.39 8.90
C LYS D 50 1.74 23.95 9.82
N ALA D 51 3.01 23.73 9.48
CA ALA D 51 4.12 24.23 10.30
C ALA D 51 4.08 25.76 10.43
N ALA D 52 3.86 26.45 9.30
CA ALA D 52 3.81 27.91 9.32
C ALA D 52 2.59 28.39 10.07
N ILE D 53 1.47 27.72 9.84
CA ILE D 53 0.22 28.06 10.51
C ILE D 53 0.37 28.00 12.03
N GLU D 54 0.79 26.85 12.54
CA GLU D 54 0.95 26.66 13.98
C GLU D 54 2.03 27.55 14.59
N GLY D 55 3.07 27.87 13.83
CA GLY D 55 4.10 28.74 14.35
C GLY D 55 3.51 30.13 14.60
N LEU D 56 2.71 30.60 13.64
CA LEU D 56 2.08 31.92 13.78
C LEU D 56 1.03 31.89 14.90
N LYS D 57 0.28 30.79 14.99
CA LYS D 57 -0.76 30.67 16.02
C LYS D 57 -0.18 30.65 17.43
N ALA D 58 1.12 30.41 17.52
CA ALA D 58 1.81 30.35 18.80
C ALA D 58 1.97 31.74 19.40
N LEU D 59 1.88 32.77 18.56
CA LEU D 59 2.01 34.15 19.03
C LEU D 59 0.74 34.52 19.80
N LYS D 60 0.88 35.29 20.87
CA LYS D 60 -0.27 35.68 21.68
C LYS D 60 -0.68 37.13 21.49
N GLU D 61 0.15 37.90 20.81
CA GLU D 61 -0.14 39.31 20.58
C GLU D 61 0.37 39.74 19.21
N PRO D 62 -0.24 40.78 18.62
CA PRO D 62 0.22 41.23 17.31
C PRO D 62 1.72 41.47 17.38
N ALA D 63 2.45 41.00 16.37
CA ALA D 63 3.89 41.17 16.35
C ALA D 63 4.45 41.30 14.94
N GLU D 64 5.67 41.82 14.84
CA GLU D 64 6.35 41.93 13.55
C GLU D 64 7.06 40.58 13.43
N VAL D 65 6.75 39.84 12.38
CA VAL D 65 7.31 38.51 12.21
C VAL D 65 8.20 38.25 11.00
N ASP D 66 9.32 37.58 11.25
CA ASP D 66 10.23 37.17 10.19
C ASP D 66 10.16 35.64 10.26
N LEU D 67 9.45 35.05 9.31
CA LEU D 67 9.26 33.60 9.27
C LEU D 67 10.12 32.93 8.21
N TYR D 68 11.00 32.05 8.65
CA TYR D 68 11.92 31.34 7.76
C TYR D 68 11.50 29.90 7.50
N THR D 69 11.39 29.53 6.22
CA THR D 69 11.02 28.17 5.84
C THR D 69 11.61 27.80 4.48
N ASP D 70 12.00 26.54 4.31
CA ASP D 70 12.57 26.10 3.04
C ASP D 70 11.52 25.44 2.14
N SER D 71 10.26 25.64 2.47
CA SER D 71 9.14 25.06 1.71
C SER D 71 9.00 25.59 0.28
N HIS D 72 9.12 24.68 -0.68
CA HIS D 72 8.97 25.06 -2.09
C HIS D 72 7.49 25.34 -2.35
N TYR D 73 6.63 24.61 -1.65
CA TYR D 73 5.19 24.76 -1.78
C TYR D 73 4.78 26.18 -1.39
N LEU D 74 5.21 26.63 -0.22
CA LEU D 74 4.88 27.98 0.24
C LEU D 74 5.55 29.05 -0.61
N LYS D 75 6.84 28.87 -0.91
CA LYS D 75 7.56 29.85 -1.71
C LYS D 75 6.85 30.16 -3.02
N LYS D 76 6.48 29.12 -3.75
CA LYS D 76 5.79 29.26 -5.02
C LYS D 76 4.47 30.00 -4.84
N ALA D 77 3.68 29.57 -3.86
CA ALA D 77 2.39 30.18 -3.61
C ALA D 77 2.48 31.67 -3.29
N PHE D 78 3.49 32.07 -2.53
CA PHE D 78 3.63 33.47 -2.17
C PHE D 78 4.29 34.36 -3.22
N THR D 79 5.32 33.85 -3.89
CA THR D 79 6.00 34.64 -4.90
C THR D 79 5.11 34.92 -6.10
N GLU D 80 4.29 33.94 -6.45
CA GLU D 80 3.39 34.07 -7.60
C GLU D 80 2.01 34.62 -7.25
N GLY D 81 1.84 35.06 -6.00
CA GLY D 81 0.57 35.63 -5.56
C GLY D 81 -0.66 34.74 -5.73
N TRP D 82 -0.54 33.48 -5.36
CA TRP D 82 -1.64 32.53 -5.47
C TRP D 82 -2.81 32.88 -4.57
N LEU D 83 -2.51 33.19 -3.31
CA LEU D 83 -3.55 33.55 -2.35
C LEU D 83 -4.39 34.72 -2.86
N GLU D 84 -3.70 35.76 -3.34
CA GLU D 84 -4.39 36.93 -3.87
C GLU D 84 -5.11 36.54 -5.15
N GLY D 85 -4.57 35.53 -5.83
CA GLY D 85 -5.17 35.07 -7.07
C GLY D 85 -6.30 34.09 -6.83
N TRP D 91 -11.40 30.91 -5.24
CA TRP D 91 -10.65 29.69 -4.97
C TRP D 91 -11.02 28.60 -5.96
N ARG D 92 -10.43 28.67 -7.13
CA ARG D 92 -10.70 27.71 -8.20
C ARG D 92 -9.50 27.76 -9.13
N THR D 93 -9.02 26.60 -9.56
CA THR D 93 -7.87 26.56 -10.46
C THR D 93 -8.24 27.18 -11.81
N ALA D 94 -7.23 27.35 -12.66
CA ALA D 94 -7.46 27.93 -13.98
C ALA D 94 -8.56 27.17 -14.73
N GLU D 95 -8.59 25.85 -14.57
CA GLU D 95 -9.59 25.05 -15.26
C GLU D 95 -10.83 24.77 -14.41
N GLY D 96 -11.14 25.68 -13.50
CA GLY D 96 -12.31 25.52 -12.65
C GLY D 96 -12.30 24.29 -11.77
N LYS D 97 -11.12 23.94 -11.25
CA LYS D 97 -10.99 22.77 -10.38
C LYS D 97 -10.68 23.22 -8.96
N PRO D 98 -11.17 22.47 -7.95
CA PRO D 98 -10.92 22.83 -6.55
C PRO D 98 -9.43 23.11 -6.35
N VAL D 99 -9.11 24.10 -5.52
CA VAL D 99 -7.72 24.48 -5.27
C VAL D 99 -6.82 23.30 -4.91
N LYS D 100 -6.83 22.94 -3.63
CA LYS D 100 -6.04 21.85 -3.04
C LYS D 100 -5.52 22.37 -1.71
N ASN D 101 -5.91 21.72 -0.62
CA ASN D 101 -5.50 22.14 0.71
C ASN D 101 -6.01 23.55 1.03
N ARG D 102 -7.14 23.93 0.43
CA ARG D 102 -7.70 25.26 0.67
C ARG D 102 -8.02 25.45 2.15
N ASP D 103 -8.35 24.36 2.84
CA ASP D 103 -8.63 24.43 4.26
C ASP D 103 -7.42 25.02 4.98
N LEU D 104 -6.22 24.57 4.63
CA LEU D 104 -5.03 25.10 5.29
C LEU D 104 -4.62 26.48 4.78
N TRP D 105 -4.83 26.74 3.49
CA TRP D 105 -4.48 28.07 3.00
C TRP D 105 -5.33 29.09 3.76
N GLU D 106 -6.59 28.76 4.00
CA GLU D 106 -7.50 29.64 4.72
C GLU D 106 -6.98 29.82 6.14
N ALA D 107 -6.49 28.72 6.72
CA ALA D 107 -5.95 28.75 8.07
C ALA D 107 -4.71 29.64 8.14
N LEU D 108 -3.88 29.60 7.10
CA LEU D 108 -2.68 30.43 7.10
C LEU D 108 -3.04 31.91 7.00
N LEU D 109 -4.02 32.23 6.16
CA LEU D 109 -4.46 33.61 6.02
C LEU D 109 -4.93 34.16 7.37
N LEU D 110 -5.68 33.35 8.10
CA LEU D 110 -6.19 33.77 9.40
C LEU D 110 -5.08 33.91 10.42
N ALA D 111 -4.14 32.98 10.41
CA ALA D 111 -3.01 33.00 11.34
C ALA D 111 -2.10 34.21 11.14
N MET D 112 -1.96 34.66 9.89
CA MET D 112 -1.13 35.81 9.54
C MET D 112 -1.80 37.16 9.84
N ALA D 113 -3.13 37.19 9.75
CA ALA D 113 -3.92 38.41 9.93
C ALA D 113 -3.52 39.42 11.01
N PRO D 114 -3.28 38.97 12.24
CA PRO D 114 -2.91 39.86 13.34
C PRO D 114 -1.48 40.40 13.29
N HIS D 115 -0.66 39.81 12.44
CA HIS D 115 0.74 40.18 12.37
C HIS D 115 1.22 40.80 11.08
N ARG D 116 2.42 41.37 11.14
CA ARG D 116 3.09 41.94 9.97
C ARG D 116 4.09 40.84 9.68
N VAL D 117 3.75 39.98 8.74
CA VAL D 117 4.61 38.85 8.42
C VAL D 117 5.51 39.06 7.21
N ARG D 118 6.80 38.82 7.42
CA ARG D 118 7.78 38.92 6.35
C ARG D 118 8.28 37.49 6.18
N PHE D 119 8.07 36.91 5.01
CA PHE D 119 8.54 35.56 4.75
C PHE D 119 9.96 35.54 4.23
N HIS D 120 10.68 34.48 4.57
CA HIS D 120 12.05 34.30 4.13
C HIS D 120 12.12 32.84 3.69
N PHE D 121 12.02 32.62 2.38
CA PHE D 121 12.07 31.28 1.85
C PHE D 121 13.53 30.95 1.58
N VAL D 122 14.07 30.04 2.38
CA VAL D 122 15.47 29.65 2.24
C VAL D 122 15.66 28.42 1.37
N LYS D 123 16.86 28.25 0.84
CA LYS D 123 17.18 27.11 -0.02
C LYS D 123 17.11 25.78 0.72
N GLY D 124 17.94 25.66 1.75
CA GLY D 124 17.95 24.43 2.52
C GLY D 124 18.35 24.73 3.95
N HIS D 125 18.89 23.73 4.64
CA HIS D 125 19.30 23.87 6.03
C HIS D 125 20.64 24.58 6.21
N ALA D 126 21.53 24.44 5.23
CA ALA D 126 22.85 25.06 5.30
C ALA D 126 22.76 26.55 5.64
N GLY D 127 23.37 26.93 6.76
CA GLY D 127 23.36 28.32 7.18
C GLY D 127 22.06 28.75 7.85
N HIS D 128 21.20 27.77 8.15
CA HIS D 128 19.92 28.03 8.78
C HIS D 128 19.72 26.94 9.84
N PRO D 129 20.51 27.00 10.92
CA PRO D 129 20.46 26.03 12.02
C PRO D 129 19.11 25.86 12.70
N GLU D 130 18.34 26.94 12.82
CA GLU D 130 17.02 26.84 13.44
C GLU D 130 16.10 26.04 12.55
N ASN D 131 16.27 26.17 11.24
CA ASN D 131 15.43 25.43 10.32
C ASN D 131 15.82 23.95 10.33
N GLU D 132 17.10 23.68 10.53
CA GLU D 132 17.55 22.29 10.59
C GLU D 132 16.93 21.66 11.86
N ARG D 133 16.88 22.43 12.95
CA ARG D 133 16.29 21.91 14.19
C ARG D 133 14.79 21.71 14.05
N ALA D 134 14.12 22.60 13.31
CA ALA D 134 12.68 22.47 13.10
C ALA D 134 12.40 21.20 12.29
N ASP D 135 13.27 20.92 11.32
CA ASP D 135 13.14 19.74 10.49
C ASP D 135 13.26 18.49 11.36
N GLU D 136 14.21 18.50 12.29
CA GLU D 136 14.40 17.36 13.20
C GLU D 136 13.16 17.18 14.07
N LEU D 137 12.56 18.28 14.53
CA LEU D 137 11.36 18.19 15.35
C LEU D 137 10.21 17.56 14.58
N ALA D 138 10.05 17.98 13.33
CA ALA D 138 8.98 17.46 12.48
C ALA D 138 9.14 15.97 12.21
N ARG D 139 10.37 15.55 11.92
CA ARG D 139 10.66 14.15 11.65
C ARG D 139 10.42 13.31 12.90
N ALA D 140 10.80 13.83 14.06
CA ALA D 140 10.58 13.10 15.31
C ALA D 140 9.08 12.94 15.57
N ALA D 141 8.30 14.00 15.35
CA ALA D 141 6.86 13.94 15.58
C ALA D 141 6.18 12.93 14.64
N ALA D 142 6.68 12.83 13.41
CA ALA D 142 6.10 11.91 12.44
C ALA D 142 6.34 10.44 12.78
N MET D 143 7.32 10.18 13.63
CA MET D 143 7.62 8.81 14.03
C MET D 143 6.61 8.25 15.03
N ASN D 144 5.85 9.14 15.67
CA ASN D 144 4.84 8.74 16.64
C ASN D 144 3.58 9.57 16.45
N PRO D 145 2.94 9.44 15.27
CA PRO D 145 1.71 10.18 14.96
C PRO D 145 0.48 9.62 15.63
N THR D 146 -0.36 10.50 16.17
CA THR D 146 -1.58 10.08 16.83
C THR D 146 -2.77 10.94 16.39
N LEU D 147 -2.47 12.08 15.78
CA LEU D 147 -3.52 13.00 15.33
C LEU D 147 -3.97 12.76 13.90
N GLU D 148 -5.24 13.05 13.63
CA GLU D 148 -5.75 12.90 12.28
C GLU D 148 -5.64 14.27 11.63
N ASP D 149 -5.19 14.30 10.37
CA ASP D 149 -5.13 15.56 9.64
C ASP D 149 -6.44 15.52 8.87
N THR D 150 -7.51 15.90 9.55
CA THR D 150 -8.86 15.86 9.00
C THR D 150 -9.05 16.45 7.61
N GLY D 151 -8.49 17.64 7.40
CA GLY D 151 -8.64 18.29 6.11
C GLY D 151 -8.05 17.54 4.93
N TYR D 152 -7.21 16.56 5.21
CA TYR D 152 -6.59 15.82 4.13
C TYR D 152 -7.64 15.08 3.30
N GLN D 153 -6.50 18.92 -0.55
CA GLN D 153 -6.37 17.70 0.22
C GLN D 153 -5.33 16.76 -0.42
#